data_7D4G
#
_entry.id   7D4G
#
loop_
_entity.id
_entity.type
_entity.pdbx_description
1 polymer 'Spike glycoprotein S1'
2 polymer 'Light chain of FC05 Fab'
3 polymer 'Heavy chain of FC05 Fab'
#
loop_
_entity_poly.entity_id
_entity_poly.type
_entity_poly.pdbx_seq_one_letter_code
_entity_poly.pdbx_strand_id
1 'polypeptide(L)'
;SQCVNLTTRTQLPPAYTNSFTRGVYYPDKVFRSSVLHSTQDLFLPFFSNVTWFHAIHVSGTNGTKRFDNPVLPFNDGVYF
ASTEKSNIIRGWIFGTTLDSKTQSLLIVNNATNVVIKVCEFQFCNDPFLGVYYHKNNKSWMESEFRVYSSANNCTFEYVS
QPFLMDLEGKQGNFKNLREFVFKNIDGYFKIYSKHTPINLVRDLPQGFSALEPLVDLPIGINITRFQTLLALHRSYLTPG
DSSSGWTAGAAAYYVGYLQPRTFLLKYNENGTITDAVD
;
B
2 'polypeptide(L)'
;QSVLTQAPSVSGAPGQKVTISCSGSSSNIGNNYVSWYQQLPGTAPKLLIYDNNKRPSGIPDRFSGSKSGTSATLGITGLQ
TGDEADYYCGTWDSSLSAVVFGGGTKLTVL
;
G
3 'polypeptide(L)'
;EVQLLEQSGAEVKKPGASVRVSCKVSGYTLPEVAMHWVRQAPGKGLEWMGGFDPEDGETMYAQKFQGRVTMTEDTSTDTA
YMELSSLRSEDTAVYYCATTTPFSSSYWFDPWGQGTLVTVSS
;
N
#
# COMPACT_ATOMS: atom_id res chain seq x y z
N GLN A 2 -1.09 8.31 -12.97
CA GLN A 2 -1.70 7.64 -11.83
C GLN A 2 -3.18 8.00 -11.72
N CYS A 3 -3.50 8.86 -10.75
CA CYS A 3 -4.88 9.28 -10.47
C CYS A 3 -5.80 8.09 -10.24
N VAL A 4 -5.26 7.04 -9.62
CA VAL A 4 -6.11 5.93 -9.21
C VAL A 4 -7.12 6.46 -8.18
N ASN A 5 -8.38 6.14 -8.39
CA ASN A 5 -9.48 6.76 -7.65
C ASN A 5 -10.32 5.70 -6.96
N LEU A 6 -10.65 5.95 -5.69
CA LEU A 6 -11.68 5.21 -4.99
C LEU A 6 -12.54 6.23 -4.25
N THR A 7 -13.83 6.25 -4.57
CA THR A 7 -14.77 7.20 -4.00
C THR A 7 -15.56 6.56 -2.88
N THR A 8 -16.22 5.45 -3.20
CA THR A 8 -17.33 4.85 -2.46
C THR A 8 -18.54 5.77 -2.48
N ARG A 9 -19.23 5.91 -1.35
CA ARG A 9 -20.54 6.50 -1.41
C ARG A 9 -20.81 7.57 -0.34
N THR A 10 -20.81 7.15 0.92
CA THR A 10 -21.60 7.83 1.94
C THR A 10 -20.92 9.08 2.46
N GLN A 11 -21.74 9.99 2.98
CA GLN A 11 -21.29 11.13 3.77
C GLN A 11 -21.53 10.87 5.26
N LEU A 12 -22.79 10.61 5.62
CA LEU A 12 -23.34 10.59 6.98
C LEU A 12 -23.50 12.01 7.45
N PRO A 13 -24.40 12.29 8.40
CA PRO A 13 -24.37 13.58 9.05
C PRO A 13 -23.02 13.79 9.71
N PRO A 14 -22.36 14.91 9.43
CA PRO A 14 -21.04 15.12 10.02
C PRO A 14 -21.14 15.16 11.54
N ALA A 15 -20.34 14.32 12.18
CA ALA A 15 -20.38 14.23 13.64
C ALA A 15 -19.70 15.48 14.19
N TYR A 16 -20.44 16.27 14.95
CA TYR A 16 -19.91 17.53 15.43
C TYR A 16 -19.34 17.36 16.83
N THR A 17 -18.76 18.45 17.32
CA THR A 17 -18.19 18.48 18.65
C THR A 17 -18.10 19.93 19.08
N ASN A 18 -17.56 20.14 20.27
CA ASN A 18 -17.51 21.45 20.90
C ASN A 18 -16.07 21.70 21.32
N SER A 19 -15.43 22.67 20.69
CA SER A 19 -14.09 23.07 21.12
C SER A 19 -14.24 23.97 22.34
N PHE A 20 -13.71 23.52 23.47
CA PHE A 20 -14.02 24.17 24.73
C PHE A 20 -13.13 25.39 24.88
N THR A 21 -11.85 25.16 25.14
CA THR A 21 -10.81 26.17 25.02
C THR A 21 -9.80 25.63 24.02
N ARG A 22 -9.75 26.23 22.83
CA ARG A 22 -8.97 25.63 21.77
C ARG A 22 -8.58 26.69 20.75
N GLY A 23 -7.53 26.38 20.00
CA GLY A 23 -7.13 27.21 18.88
C GLY A 23 -6.64 28.60 19.25
N VAL A 24 -5.87 28.69 20.34
CA VAL A 24 -5.35 30.02 20.79
C VAL A 24 -3.89 30.18 20.40
N TYR A 25 -3.63 30.65 19.17
CA TYR A 25 -2.25 30.90 18.67
C TYR A 25 -1.76 32.25 19.21
N TYR A 26 -0.45 32.49 19.18
CA TYR A 26 0.11 33.77 19.69
C TYR A 26 -0.13 34.88 18.66
N PRO A 27 -0.81 35.98 19.05
CA PRO A 27 -1.09 37.10 18.13
C PRO A 27 0.13 37.89 17.62
N ASP A 28 1.07 38.19 18.50
CA ASP A 28 2.27 38.99 18.09
C ASP A 28 3.56 38.20 18.34
N LYS A 29 4.68 38.72 17.82
CA LYS A 29 6.01 38.10 17.96
C LYS A 29 6.73 38.72 19.17
N VAL A 30 6.04 39.60 19.90
CA VAL A 30 6.64 40.28 21.09
C VAL A 30 6.30 39.48 22.34
N PHE A 31 7.33 39.08 23.09
CA PHE A 31 7.15 38.27 24.34
C PHE A 31 6.52 39.14 25.44
N ARG A 32 5.50 38.59 26.10
CA ARG A 32 4.79 39.32 27.19
C ARG A 32 4.63 38.42 28.40
N SER A 33 5.18 38.82 29.54
CA SER A 33 5.12 38.02 30.80
C SER A 33 4.38 38.81 31.89
N SER A 34 3.40 38.18 32.53
CA SER A 34 2.59 38.79 33.63
C SER A 34 1.91 40.08 33.16
N VAL A 35 1.40 40.09 31.93
CA VAL A 35 0.69 41.28 31.36
C VAL A 35 -0.51 40.80 30.54
N LEU A 36 -1.51 41.66 30.34
CA LEU A 36 -2.71 41.27 29.56
C LEU A 36 -2.76 42.08 28.25
N HIS A 37 -2.85 41.38 27.12
CA HIS A 37 -2.93 42.02 25.78
C HIS A 37 -4.20 41.53 25.07
N SER A 38 -4.99 42.44 24.49
CA SER A 38 -6.26 42.04 23.81
C SER A 38 -6.26 42.50 22.34
N THR A 39 -6.28 41.56 21.42
CA THR A 39 -6.33 41.85 20.00
C THR A 39 -7.58 41.23 19.37
N GLN A 40 -8.02 41.81 18.27
CA GLN A 40 -9.11 41.29 17.48
C GLN A 40 -8.50 40.71 16.21
N ASP A 41 -8.52 39.38 16.12
CA ASP A 41 -7.87 38.65 15.03
C ASP A 41 -8.69 37.42 14.71
N LEU A 42 -8.37 36.80 13.58
CA LEU A 42 -9.00 35.54 13.20
C LEU A 42 -8.64 34.46 14.21
N PHE A 43 -9.66 33.82 14.78
CA PHE A 43 -9.47 32.68 15.67
C PHE A 43 -10.62 31.70 15.47
N LEU A 44 -10.53 30.57 16.15
CA LEU A 44 -11.66 29.67 16.28
C LEU A 44 -12.36 29.99 17.58
N PRO A 45 -13.53 30.62 17.57
CA PRO A 45 -14.14 31.07 18.83
C PRO A 45 -14.52 29.88 19.71
N PHE A 46 -14.45 30.10 21.02
CA PHE A 46 -14.64 29.02 21.97
C PHE A 46 -16.06 28.50 21.93
N PHE A 47 -16.19 27.22 22.24
CA PHE A 47 -17.50 26.57 22.34
C PHE A 47 -18.29 26.73 21.05
N SER A 48 -17.55 26.78 19.93
CA SER A 48 -18.17 27.00 18.60
C SER A 48 -18.62 25.68 17.99
N ASN A 49 -19.27 25.73 16.83
CA ASN A 49 -19.72 24.48 16.17
C ASN A 49 -18.53 23.94 15.38
N VAL A 50 -17.99 22.79 15.81
CA VAL A 50 -16.80 22.18 15.14
C VAL A 50 -17.27 20.92 14.42
N THR A 51 -16.56 20.53 13.36
CA THR A 51 -16.90 19.33 12.61
C THR A 51 -15.79 18.30 12.70
N TRP A 52 -16.05 17.19 13.37
CA TRP A 52 -15.15 16.06 13.45
C TRP A 52 -15.45 15.14 12.27
N PHE A 53 -14.41 14.74 11.57
CA PHE A 53 -14.57 14.03 10.31
C PHE A 53 -14.19 12.57 10.43
N HIS A 54 -14.81 11.76 9.59
CA HIS A 54 -14.35 10.42 9.32
C HIS A 54 -13.61 10.40 7.99
N ALA A 55 -12.30 10.21 8.07
CA ALA A 55 -11.48 9.78 6.95
C ALA A 55 -11.72 8.28 6.84
N ILE A 56 -10.81 7.53 6.21
CA ILE A 56 -11.03 6.10 6.06
C ILE A 56 -11.46 5.52 7.40
N HIS A 57 -12.60 4.83 7.39
CA HIS A 57 -13.37 4.59 8.60
C HIS A 57 -13.95 3.18 8.59
N VAL A 58 -13.83 2.48 9.71
CA VAL A 58 -14.41 1.16 9.84
C VAL A 58 -15.61 1.19 10.77
N SER A 59 -16.78 0.83 10.23
CA SER A 59 -17.96 0.53 11.01
C SER A 59 -18.19 -0.97 10.90
N GLY A 60 -17.95 -1.69 11.99
CA GLY A 60 -17.71 -3.11 11.91
C GLY A 60 -18.84 -4.02 11.47
N THR A 61 -18.59 -4.76 10.38
CA THR A 61 -19.22 -6.03 10.12
C THR A 61 -18.10 -7.00 9.75
N ASN A 62 -17.47 -6.78 8.60
CA ASN A 62 -16.07 -7.14 8.40
C ASN A 62 -15.48 -6.08 7.48
N GLY A 63 -14.35 -5.52 7.87
CA GLY A 63 -13.74 -4.48 7.04
C GLY A 63 -14.64 -3.26 6.98
N THR A 64 -15.04 -2.90 5.75
CA THR A 64 -15.87 -1.73 5.46
C THR A 64 -15.15 -0.44 5.88
N LYS A 65 -14.10 -0.14 5.13
CA LYS A 65 -13.36 1.11 5.30
C LYS A 65 -13.99 2.19 4.43
N ARG A 66 -14.37 3.29 5.06
CA ARG A 66 -15.15 4.35 4.41
C ARG A 66 -14.26 5.56 4.16
N PHE A 67 -13.95 5.81 2.88
CA PHE A 67 -13.13 6.93 2.47
C PHE A 67 -14.07 8.09 2.15
N ASP A 68 -14.20 9.03 3.08
CA ASP A 68 -15.14 10.13 2.94
C ASP A 68 -14.51 11.51 2.70
N ASN A 69 -13.20 11.65 2.80
CA ASN A 69 -12.67 13.00 3.04
C ASN A 69 -12.98 13.96 1.90
N PRO A 70 -13.83 14.95 2.09
CA PRO A 70 -14.24 15.82 0.99
C PRO A 70 -13.23 16.93 0.73
N VAL A 71 -13.30 17.47 -0.48
CA VAL A 71 -12.72 18.79 -0.71
C VAL A 71 -13.49 19.80 0.12
N LEU A 72 -12.77 20.60 0.90
CA LEU A 72 -13.46 21.47 1.82
C LEU A 72 -13.08 22.92 1.56
N PRO A 73 -14.05 23.84 1.63
CA PRO A 73 -13.73 25.26 1.43
C PRO A 73 -12.83 25.76 2.55
N PHE A 74 -12.01 26.75 2.23
CA PHE A 74 -11.15 27.37 3.24
C PHE A 74 -11.92 28.39 4.06
N ASN A 75 -12.86 29.10 3.45
CA ASN A 75 -13.67 30.15 4.08
C ASN A 75 -12.72 31.20 4.65
N ASP A 76 -12.93 31.69 5.87
CA ASP A 76 -12.07 32.71 6.47
C ASP A 76 -10.71 32.16 6.88
N GLY A 77 -10.69 31.23 7.83
CA GLY A 77 -9.47 30.54 8.19
C GLY A 77 -9.81 29.12 8.60
N VAL A 78 -8.77 28.32 8.79
CA VAL A 78 -8.94 26.89 9.01
C VAL A 78 -8.17 26.46 10.24
N TYR A 79 -8.80 25.61 11.04
CA TYR A 79 -8.18 24.95 12.19
C TYR A 79 -8.15 23.45 11.89
N PHE A 80 -7.22 22.74 12.51
CA PHE A 80 -7.09 21.31 12.29
C PHE A 80 -6.57 20.61 13.54
N ALA A 81 -7.06 19.40 13.78
CA ALA A 81 -6.64 18.62 14.93
C ALA A 81 -6.74 17.14 14.60
N SER A 82 -5.82 16.35 15.16
CA SER A 82 -5.83 14.91 14.94
C SER A 82 -5.05 14.23 16.04
N THR A 83 -5.29 12.92 16.19
CA THR A 83 -4.55 12.10 17.13
C THR A 83 -3.58 11.21 16.39
N GLU A 84 -4.10 10.15 15.75
CA GLU A 84 -3.36 9.36 14.76
C GLU A 84 -2.05 8.81 15.35
N LYS A 85 -2.21 7.88 16.28
CA LYS A 85 -1.02 7.20 16.81
C LYS A 85 -0.26 6.49 15.69
N SER A 86 -0.97 5.82 14.79
CA SER A 86 -0.44 5.51 13.48
C SER A 86 -0.66 6.70 12.58
N ASN A 87 0.34 7.03 11.75
CA ASN A 87 0.28 8.25 10.95
C ASN A 87 -0.17 7.90 9.54
N ILE A 88 -1.44 8.18 9.25
CA ILE A 88 -1.94 8.17 7.88
C ILE A 88 -2.00 9.57 7.28
N ILE A 89 -1.90 10.61 8.08
CA ILE A 89 -2.09 11.96 7.57
C ILE A 89 -0.73 12.61 7.35
N ARG A 90 -0.61 13.36 6.27
CA ARG A 90 0.68 13.94 5.92
C ARG A 90 0.56 15.44 5.71
N GLY A 91 -0.27 15.86 4.76
CA GLY A 91 -0.36 17.26 4.40
C GLY A 91 -1.71 17.56 3.81
N TRP A 92 -1.82 18.77 3.23
CA TRP A 92 -3.09 19.25 2.70
C TRP A 92 -2.85 19.85 1.32
N ILE A 93 -3.90 19.94 0.53
CA ILE A 93 -3.81 20.27 -0.89
C ILE A 93 -4.04 21.74 -1.17
N PHE A 94 -4.02 22.59 -0.14
CA PHE A 94 -4.69 23.88 -0.16
C PHE A 94 -4.53 24.61 -1.49
N GLY A 95 -5.62 25.16 -1.98
CA GLY A 95 -5.63 25.83 -3.27
C GLY A 95 -6.96 26.49 -3.53
N THR A 96 -7.23 26.76 -4.81
CA THR A 96 -8.50 27.35 -5.20
C THR A 96 -9.21 26.46 -6.21
N THR A 97 -8.64 26.35 -7.41
CA THR A 97 -9.21 25.48 -8.43
C THR A 97 -8.96 24.01 -8.13
N LEU A 98 -7.98 23.71 -7.27
CA LEU A 98 -7.55 22.34 -6.96
C LEU A 98 -7.05 21.67 -8.25
N ASP A 99 -6.41 22.48 -9.07
CA ASP A 99 -6.11 22.15 -10.47
C ASP A 99 -5.00 23.11 -10.89
N SER A 100 -4.71 23.14 -12.18
CA SER A 100 -3.90 24.23 -12.73
C SER A 100 -4.76 25.50 -12.78
N LYS A 101 -4.20 26.54 -13.40
CA LYS A 101 -4.75 27.88 -13.54
C LYS A 101 -4.59 28.70 -12.27
N THR A 102 -4.30 28.08 -11.12
CA THR A 102 -3.94 28.77 -9.91
C THR A 102 -2.70 28.10 -9.33
N GLN A 103 -2.10 28.74 -8.33
CA GLN A 103 -1.03 28.06 -7.63
C GLN A 103 -1.62 26.92 -6.80
N SER A 104 -0.73 26.19 -6.14
CA SER A 104 -1.19 25.09 -5.28
C SER A 104 -0.31 25.04 -4.05
N LEU A 105 -0.94 24.98 -2.88
CA LEU A 105 -0.19 24.74 -1.67
C LEU A 105 -0.16 23.24 -1.37
N LEU A 106 1.02 22.66 -1.51
CA LEU A 106 1.15 21.22 -1.34
C LEU A 106 2.11 20.95 -0.21
N ILE A 107 1.57 20.41 0.87
CA ILE A 107 2.36 19.97 2.00
C ILE A 107 2.27 18.45 2.07
N VAL A 108 3.42 17.81 2.28
CA VAL A 108 3.48 16.38 2.48
C VAL A 108 4.49 16.12 3.60
N ASN A 109 4.64 14.81 3.91
CA ASN A 109 5.48 14.38 5.07
C ASN A 109 5.90 12.89 5.08
N ASN A 110 6.66 12.40 4.08
CA ASN A 110 7.31 11.06 4.21
C ASN A 110 8.63 11.47 4.88
N ALA A 111 8.61 11.56 6.21
CA ALA A 111 9.57 12.49 6.85
C ALA A 111 10.87 12.08 7.54
N THR A 112 11.98 11.98 6.81
CA THR A 112 13.13 12.30 7.63
C THR A 112 12.82 13.71 8.11
N ASN A 113 12.19 14.47 7.21
CA ASN A 113 11.89 15.89 7.38
C ASN A 113 10.59 16.20 6.68
N VAL A 114 9.94 17.29 7.06
CA VAL A 114 8.79 17.77 6.32
C VAL A 114 9.27 18.56 5.11
N VAL A 115 8.43 18.63 4.07
CA VAL A 115 8.74 19.38 2.87
C VAL A 115 7.47 20.06 2.38
N ILE A 116 7.64 21.30 1.91
CA ILE A 116 6.52 22.17 1.54
C ILE A 116 6.67 22.56 0.08
N LYS A 117 5.54 22.63 -0.62
CA LYS A 117 5.53 23.01 -2.02
C LYS A 117 4.41 23.99 -2.28
N VAL A 118 4.77 25.13 -2.87
CA VAL A 118 3.81 26.05 -3.45
C VAL A 118 4.09 26.06 -4.95
N CYS A 119 3.21 25.43 -5.73
CA CYS A 119 3.47 25.18 -7.14
C CYS A 119 2.15 25.24 -7.90
N GLU A 120 2.19 24.81 -9.16
CA GLU A 120 0.98 24.54 -9.93
C GLU A 120 0.95 23.06 -10.26
N PHE A 121 -0.01 22.34 -9.68
CA PHE A 121 -0.12 20.91 -9.89
C PHE A 121 -1.41 20.58 -10.65
N GLN A 122 -1.57 19.29 -10.95
CA GLN A 122 -2.85 18.74 -11.36
C GLN A 122 -3.26 17.73 -10.29
N PHE A 123 -4.23 18.10 -9.47
CA PHE A 123 -4.69 17.19 -8.42
C PHE A 123 -5.80 16.29 -8.97
N CYS A 124 -5.68 15.01 -8.67
CA CYS A 124 -6.59 14.02 -9.21
C CYS A 124 -7.96 14.17 -8.53
N ASN A 125 -8.90 13.32 -8.95
CA ASN A 125 -10.22 13.31 -8.34
C ASN A 125 -10.22 12.74 -6.93
N ASP A 126 -9.32 11.79 -6.64
CA ASP A 126 -9.20 11.19 -5.31
C ASP A 126 -7.74 11.23 -4.89
N PRO A 127 -7.20 12.42 -4.61
CA PRO A 127 -5.76 12.52 -4.33
C PRO A 127 -5.42 12.03 -2.93
N PHE A 128 -4.24 11.42 -2.82
CA PHE A 128 -3.64 11.00 -1.56
C PHE A 128 -2.28 10.39 -1.90
N LEU A 129 -1.40 10.34 -0.90
CA LEU A 129 -0.05 9.83 -1.10
C LEU A 129 -0.07 8.31 -1.02
N GLY A 130 0.38 7.66 -2.09
CA GLY A 130 0.55 6.22 -2.04
C GLY A 130 1.89 5.85 -1.43
N VAL A 131 1.89 4.76 -0.66
CA VAL A 131 3.09 4.22 -0.06
C VAL A 131 3.19 2.76 -0.47
N TYR A 132 4.39 2.34 -0.83
CA TYR A 132 4.64 0.97 -1.27
C TYR A 132 5.98 0.53 -0.71
N TYR A 133 6.43 -0.65 -1.12
CA TYR A 133 7.67 -1.24 -0.65
C TYR A 133 8.63 -1.39 -1.81
N HIS A 134 9.83 -0.81 -1.68
CA HIS A 134 10.76 -0.68 -2.79
C HIS A 134 11.60 -1.92 -3.04
N LYS A 135 11.70 -2.84 -2.08
CA LYS A 135 12.38 -4.13 -2.16
C LYS A 135 13.87 -3.99 -2.45
N ASN A 136 14.31 -2.79 -2.80
CA ASN A 136 15.72 -2.47 -2.98
C ASN A 136 16.00 -1.26 -2.10
N ASN A 137 16.96 -1.43 -1.19
CA ASN A 137 17.07 -0.69 0.07
C ASN A 137 16.00 -1.23 1.02
N LYS A 138 15.09 -2.05 0.48
CA LYS A 138 14.04 -2.72 1.24
C LYS A 138 13.29 -1.77 2.16
N SER A 139 12.98 -0.58 1.65
CA SER A 139 12.30 0.42 2.45
C SER A 139 10.91 0.65 1.90
N TRP A 140 10.18 1.54 2.56
CA TRP A 140 8.85 1.93 2.11
C TRP A 140 8.93 3.31 1.48
N MET A 141 8.82 3.37 0.16
CA MET A 141 8.77 4.67 -0.49
C MET A 141 7.37 5.25 -0.42
N GLU A 142 7.23 6.47 -0.92
CA GLU A 142 5.94 7.12 -1.03
C GLU A 142 5.79 7.58 -2.46
N SER A 143 4.81 7.02 -3.16
CA SER A 143 4.48 7.50 -4.50
C SER A 143 3.65 8.76 -4.31
N GLU A 144 4.21 9.89 -4.77
CA GLU A 144 3.59 11.18 -4.53
C GLU A 144 2.67 11.60 -5.67
N PHE A 145 2.69 10.86 -6.79
CA PHE A 145 1.84 11.25 -7.90
C PHE A 145 0.50 10.51 -7.88
N ARG A 146 0.25 9.72 -6.84
CA ARG A 146 -1.11 9.26 -6.61
C ARG A 146 -1.96 10.41 -6.10
N VAL A 147 -1.32 11.46 -5.59
CA VAL A 147 -1.99 12.71 -5.27
C VAL A 147 -2.29 13.44 -6.57
N TYR A 148 -1.23 13.86 -7.24
CA TYR A 148 -1.31 14.78 -8.37
C TYR A 148 -0.52 14.23 -9.55
N SER A 149 -1.05 14.46 -10.75
CA SER A 149 -0.35 14.00 -11.94
C SER A 149 0.82 14.91 -12.28
N SER A 150 0.54 16.15 -12.66
CA SER A 150 1.56 17.07 -13.13
C SER A 150 2.15 17.85 -11.97
N ALA A 151 3.45 18.10 -12.07
CA ALA A 151 4.14 19.07 -11.22
C ALA A 151 5.02 19.93 -12.13
N ASN A 152 4.69 21.22 -12.22
CA ASN A 152 5.39 22.12 -13.12
C ASN A 152 5.09 23.56 -12.72
N ASN A 153 5.74 24.51 -13.40
CA ASN A 153 5.51 25.94 -13.24
C ASN A 153 5.90 26.44 -11.84
N CYS A 154 6.37 25.56 -10.96
CA CYS A 154 6.32 25.78 -9.52
C CYS A 154 6.88 27.13 -9.10
N THR A 155 6.12 27.84 -8.27
CA THR A 155 6.50 29.14 -7.73
C THR A 155 7.43 29.06 -6.53
N PHE A 156 7.18 28.16 -5.59
CA PHE A 156 7.92 28.17 -4.34
C PHE A 156 8.18 26.74 -3.86
N GLU A 157 9.26 26.61 -3.09
CA GLU A 157 9.66 25.33 -2.51
C GLU A 157 10.35 25.61 -1.18
N TYR A 158 10.17 24.70 -0.23
CA TYR A 158 10.82 24.84 1.07
C TYR A 158 10.89 23.47 1.74
N VAL A 159 11.84 23.35 2.68
CA VAL A 159 12.04 22.13 3.46
C VAL A 159 12.30 22.53 4.91
N SER A 160 11.83 21.71 5.85
CA SER A 160 12.05 21.97 7.27
C SER A 160 12.03 20.64 8.02
N GLN A 161 12.26 20.71 9.33
CA GLN A 161 12.11 19.56 10.21
C GLN A 161 10.64 19.16 10.33
N PRO A 162 10.36 17.87 10.44
CA PRO A 162 8.98 17.40 10.28
C PRO A 162 8.05 17.98 11.33
N PHE A 163 6.95 18.56 10.84
CA PHE A 163 5.92 19.09 11.73
C PHE A 163 5.20 17.94 12.42
N LEU A 164 4.72 16.99 11.62
CA LEU A 164 4.23 15.72 12.14
C LEU A 164 5.40 14.98 12.76
N MET A 165 5.22 14.53 13.99
CA MET A 165 6.28 13.85 14.72
C MET A 165 5.63 12.81 15.62
N ASP A 166 6.29 11.65 15.75
CA ASP A 166 5.79 10.66 16.67
C ASP A 166 6.65 10.64 17.94
N LEU A 167 6.18 9.88 18.92
CA LEU A 167 6.93 9.54 20.11
C LEU A 167 6.71 8.05 20.36
N GLU A 168 5.44 7.72 20.61
CA GLU A 168 4.89 6.37 20.77
C GLU A 168 5.59 5.62 21.91
N GLY A 169 5.72 4.30 21.79
CA GLY A 169 6.06 3.46 22.92
C GLY A 169 5.07 3.51 24.06
N LYS A 170 3.98 4.27 23.94
CA LYS A 170 3.10 4.62 25.05
C LYS A 170 1.83 3.81 25.12
N GLN A 171 1.62 2.87 24.19
CA GLN A 171 0.41 2.03 24.12
C GLN A 171 -0.85 2.87 24.34
N GLY A 172 -0.86 4.06 23.77
CA GLY A 172 -1.93 5.01 23.99
C GLY A 172 -1.61 5.95 25.15
N ASN A 173 -2.68 6.44 25.76
CA ASN A 173 -2.63 7.33 26.92
C ASN A 173 -2.07 8.70 26.56
N PHE A 174 -1.46 8.80 25.38
CA PHE A 174 -1.15 10.07 24.75
C PHE A 174 -2.07 10.34 23.56
N LYS A 175 -2.06 9.44 22.57
CA LYS A 175 -2.74 9.58 21.30
C LYS A 175 -2.01 10.61 20.45
N ASN A 176 -1.08 11.32 21.08
CA ASN A 176 -0.30 12.38 20.44
C ASN A 176 -1.21 13.31 19.66
N LEU A 177 -2.07 14.01 20.39
CA LEU A 177 -2.99 14.92 19.74
C LEU A 177 -2.21 16.04 19.08
N ARG A 178 -2.46 16.24 17.79
CA ARG A 178 -1.67 17.14 16.97
C ARG A 178 -2.60 18.12 16.28
N GLU A 179 -2.30 19.41 16.42
CA GLU A 179 -3.13 20.49 15.91
C GLU A 179 -2.32 21.36 14.94
N PHE A 180 -2.99 21.83 13.90
CA PHE A 180 -2.33 22.71 12.95
C PHE A 180 -3.31 23.78 12.51
N VAL A 181 -2.90 25.03 12.65
CA VAL A 181 -3.72 26.17 12.28
C VAL A 181 -3.14 26.80 11.01
N PHE A 182 -4.02 27.17 10.10
CA PHE A 182 -3.64 27.66 8.78
C PHE A 182 -4.41 28.94 8.52
N LYS A 183 -3.69 30.06 8.43
CA LYS A 183 -4.29 31.37 8.25
C LYS A 183 -3.58 32.08 7.11
N ASN A 184 -4.36 32.52 6.12
CA ASN A 184 -3.81 33.11 4.90
C ASN A 184 -4.18 34.58 4.86
N ILE A 185 -3.18 35.44 5.08
CA ILE A 185 -3.37 36.89 5.11
C ILE A 185 -2.12 37.53 4.51
N ASP A 186 -2.30 38.77 4.01
CA ASP A 186 -1.26 39.75 3.73
C ASP A 186 0.00 39.16 3.12
N GLY A 187 -0.15 38.21 2.20
CA GLY A 187 1.00 37.59 1.59
C GLY A 187 1.72 36.58 2.46
N TYR A 188 1.37 36.50 3.74
CA TYR A 188 1.96 35.52 4.65
C TYR A 188 0.91 34.51 5.07
N PHE A 189 1.03 33.28 4.57
CA PHE A 189 0.28 32.15 5.07
C PHE A 189 1.16 31.48 6.12
N LYS A 190 0.74 31.54 7.37
CA LYS A 190 1.54 31.10 8.50
C LYS A 190 0.98 29.81 9.06
N ILE A 191 1.88 28.94 9.53
CA ILE A 191 1.48 27.61 10.09
C ILE A 191 1.81 27.57 11.60
N TYR A 192 0.88 27.04 12.41
CA TYR A 192 1.05 26.91 13.88
C TYR A 192 0.90 25.44 14.27
N SER A 193 1.83 24.91 15.08
CA SER A 193 1.77 23.48 15.48
C SER A 193 1.79 23.31 17.01
N LYS A 194 1.39 22.12 17.47
CA LYS A 194 1.33 21.75 18.88
C LYS A 194 1.34 20.22 18.94
N HIS A 195 1.73 19.69 20.09
CA HIS A 195 1.63 18.26 20.36
C HIS A 195 1.20 18.08 21.80
N THR A 196 0.14 17.29 22.00
CA THR A 196 -0.42 17.18 23.32
C THR A 196 -0.81 15.73 23.63
N PRO A 197 -0.58 15.26 24.85
CA PRO A 197 -1.15 13.99 25.28
C PRO A 197 -2.63 14.14 25.54
N ILE A 198 -3.41 13.11 25.19
CA ILE A 198 -4.82 13.05 25.53
C ILE A 198 -5.16 11.61 25.91
N ASN A 199 -5.77 11.43 27.07
CA ASN A 199 -6.23 10.12 27.52
C ASN A 199 -7.67 9.83 27.16
N LEU A 200 -8.42 10.83 26.69
CA LEU A 200 -9.82 10.61 26.38
C LEU A 200 -9.96 9.77 25.11
N VAL A 201 -11.12 9.13 24.97
CA VAL A 201 -11.32 8.20 23.86
C VAL A 201 -11.17 8.91 22.52
N ARG A 202 -11.89 10.01 22.32
CA ARG A 202 -11.79 10.75 21.07
C ARG A 202 -11.62 12.25 21.27
N ASP A 203 -12.68 12.90 21.76
CA ASP A 203 -12.82 14.34 21.65
C ASP A 203 -11.88 15.06 22.63
N LEU A 204 -11.93 16.38 22.60
CA LEU A 204 -10.90 17.26 23.13
C LEU A 204 -11.11 17.55 24.61
N PRO A 205 -10.03 17.84 25.35
CA PRO A 205 -10.17 18.19 26.77
C PRO A 205 -10.46 19.67 26.98
N GLN A 206 -10.41 20.10 28.24
CA GLN A 206 -10.67 21.49 28.61
C GLN A 206 -9.42 22.35 28.61
N GLY A 207 -8.26 21.78 28.33
CA GLY A 207 -7.00 22.50 28.43
C GLY A 207 -6.78 23.46 27.28
N PHE A 208 -5.90 24.42 27.51
CA PHE A 208 -5.52 25.41 26.51
C PHE A 208 -4.33 24.90 25.70
N SER A 209 -4.37 25.17 24.40
CA SER A 209 -3.27 24.76 23.48
C SER A 209 -2.78 25.98 22.70
N ALA A 210 -1.55 26.42 23.00
CA ALA A 210 -0.97 27.59 22.31
C ALA A 210 0.04 27.09 21.27
N LEU A 211 -0.17 27.47 20.01
CA LEU A 211 0.73 27.00 18.91
C LEU A 211 1.63 28.15 18.47
N GLU A 212 2.95 27.98 18.59
CA GLU A 212 3.92 29.02 18.15
C GLU A 212 3.96 29.03 16.62
N PRO A 213 4.20 30.17 15.95
CA PRO A 213 4.25 30.19 14.49
C PRO A 213 5.43 29.33 14.01
N LEU A 214 5.22 28.50 13.00
CA LEU A 214 6.31 27.64 12.45
C LEU A 214 7.11 28.48 11.45
N VAL A 215 6.51 28.74 10.27
CA VAL A 215 7.17 29.56 9.26
C VAL A 215 6.15 30.57 8.74
N ASP A 216 6.61 31.79 8.54
CA ASP A 216 5.81 32.83 7.93
C ASP A 216 6.21 32.97 6.47
N LEU A 217 5.32 32.50 5.60
CA LEU A 217 5.66 32.22 4.22
C LEU A 217 5.19 33.32 3.29
N PRO A 218 6.10 33.88 2.34
CA PRO A 218 5.66 34.88 1.34
C PRO A 218 4.86 34.23 0.22
N ILE A 219 3.58 33.98 0.49
CA ILE A 219 2.76 33.14 -0.38
C ILE A 219 2.11 33.96 -1.48
N GLY A 220 1.09 34.74 -1.14
CA GLY A 220 0.46 35.63 -2.10
C GLY A 220 -0.74 35.07 -2.86
N ILE A 221 -1.19 33.84 -2.56
CA ILE A 221 -2.38 33.31 -3.21
C ILE A 221 -3.53 33.26 -2.23
N ASN A 222 -4.74 33.48 -2.73
CA ASN A 222 -5.96 33.21 -2.00
C ASN A 222 -6.29 31.72 -2.12
N ILE A 223 -6.53 31.08 -0.99
CA ILE A 223 -6.91 29.67 -0.94
C ILE A 223 -8.35 29.61 -0.45
N THR A 224 -9.28 29.24 -1.33
CA THR A 224 -10.67 29.14 -0.94
C THR A 224 -11.15 27.70 -0.68
N ARG A 225 -10.33 26.69 -0.94
CA ARG A 225 -10.80 25.32 -0.79
C ARG A 225 -9.61 24.39 -0.68
N PHE A 226 -9.84 23.20 -0.11
CA PHE A 226 -8.75 22.27 0.15
C PHE A 226 -9.31 20.89 0.45
N GLN A 227 -8.40 19.95 0.69
CA GLN A 227 -8.66 18.62 1.21
C GLN A 227 -7.35 18.14 1.83
N THR A 228 -7.44 17.16 2.73
CA THR A 228 -6.27 16.62 3.40
C THR A 228 -5.58 15.60 2.49
N LEU A 229 -4.49 15.03 2.99
CA LEU A 229 -3.76 13.98 2.29
C LEU A 229 -3.66 12.75 3.17
N LEU A 230 -3.30 11.64 2.53
CA LEU A 230 -3.35 10.34 3.18
C LEU A 230 -2.12 9.53 2.82
N ALA A 231 -1.86 8.52 3.64
CA ALA A 231 -0.81 7.55 3.38
C ALA A 231 -1.40 6.15 3.49
N LEU A 232 -1.45 5.44 2.37
CA LEU A 232 -2.03 4.10 2.30
C LEU A 232 -0.96 3.21 1.69
N HIS A 233 -1.24 1.91 1.60
CA HIS A 233 -0.25 0.98 1.10
C HIS A 233 -0.88 -0.17 0.32
N ARG A 234 -0.08 -1.18 0.02
CA ARG A 234 -0.56 -2.35 -0.71
C ARG A 234 -0.47 -3.59 0.16
N SER A 235 -1.45 -4.48 0.01
CA SER A 235 -1.38 -5.78 0.65
C SER A 235 -1.33 -6.88 -0.42
N TYR A 236 -1.19 -8.12 0.04
CA TYR A 236 -1.02 -9.25 -0.87
C TYR A 236 -1.83 -10.44 -0.35
N LEU A 237 -1.92 -11.50 -1.16
CA LEU A 237 -3.17 -12.26 -1.25
C LEU A 237 -3.68 -12.68 0.11
N THR A 238 -4.89 -12.23 0.42
CA THR A 238 -5.67 -12.55 1.60
C THR A 238 -7.14 -12.49 1.18
N PRO A 239 -8.02 -13.23 1.87
CA PRO A 239 -9.44 -13.15 1.48
C PRO A 239 -10.06 -11.80 1.86
N SER A 244 -8.08 -0.84 -5.55
CA SER A 244 -7.00 -1.74 -5.16
C SER A 244 -6.83 -1.74 -3.64
N GLY A 245 -5.85 -2.50 -3.15
CA GLY A 245 -5.59 -2.57 -1.73
C GLY A 245 -5.06 -1.27 -1.16
N TRP A 246 -5.67 -0.79 -0.08
CA TRP A 246 -5.31 0.48 0.54
C TRP A 246 -5.76 0.43 2.00
N THR A 247 -5.85 1.60 2.62
CA THR A 247 -6.52 1.81 3.91
C THR A 247 -5.83 1.07 5.05
N ALA A 248 -4.65 1.60 5.41
CA ALA A 248 -4.01 1.22 6.65
C ALA A 248 -4.69 1.90 7.85
N GLY A 249 -5.00 1.09 8.86
CA GLY A 249 -5.56 1.56 10.11
C GLY A 249 -6.86 2.35 9.95
N ALA A 250 -7.11 3.18 10.96
CA ALA A 250 -8.27 4.07 10.95
C ALA A 250 -7.77 5.50 10.90
N ALA A 251 -8.60 6.41 10.40
CA ALA A 251 -8.26 7.81 10.28
C ALA A 251 -9.46 8.69 10.60
N ALA A 252 -9.24 9.66 11.49
CA ALA A 252 -10.24 10.67 11.79
C ALA A 252 -9.53 11.92 12.27
N TYR A 253 -10.14 13.07 12.01
CA TYR A 253 -9.55 14.33 12.42
C TYR A 253 -10.64 15.36 12.69
N TYR A 254 -10.21 16.54 13.10
CA TYR A 254 -11.07 17.63 13.51
C TYR A 254 -10.80 18.85 12.64
N VAL A 255 -11.87 19.53 12.25
CA VAL A 255 -11.77 20.75 11.45
C VAL A 255 -12.76 21.77 11.98
N GLY A 256 -12.33 23.03 12.01
CA GLY A 256 -13.19 24.14 12.34
C GLY A 256 -12.70 25.37 11.62
N TYR A 257 -13.57 26.35 11.41
CA TYR A 257 -13.22 27.53 10.64
C TYR A 257 -12.94 28.70 11.57
N LEU A 258 -11.99 29.54 11.16
CA LEU A 258 -11.60 30.69 11.96
C LEU A 258 -12.62 31.81 11.77
N GLN A 259 -12.37 32.94 12.45
CA GLN A 259 -13.32 34.03 12.56
C GLN A 259 -12.69 35.17 13.35
N PRO A 260 -12.90 36.42 12.96
CA PRO A 260 -12.36 37.53 13.75
C PRO A 260 -13.07 37.62 15.10
N ARG A 261 -12.28 37.66 16.16
CA ARG A 261 -12.77 37.80 17.52
C ARG A 261 -11.70 38.49 18.35
N THR A 262 -12.13 39.16 19.41
CA THR A 262 -11.22 39.84 20.32
C THR A 262 -10.96 38.94 21.51
N PHE A 263 -9.75 38.40 21.59
CA PHE A 263 -9.43 37.45 22.67
C PHE A 263 -8.34 38.02 23.58
N LEU A 264 -8.71 38.40 24.81
CA LEU A 264 -7.68 38.90 25.76
C LEU A 264 -6.74 37.70 26.01
N LEU A 265 -5.43 37.93 25.95
CA LEU A 265 -4.48 36.81 26.14
C LEU A 265 -3.75 36.98 27.48
N LYS A 266 -3.94 36.01 28.39
CA LYS A 266 -3.32 36.08 29.74
C LYS A 266 -2.02 35.28 29.75
N TYR A 267 -0.88 35.98 29.68
CA TYR A 267 0.45 35.33 29.71
C TYR A 267 0.77 34.85 31.13
N ASN A 268 1.63 33.85 31.24
CA ASN A 268 2.09 33.31 32.54
C ASN A 268 3.33 34.09 32.99
N GLU A 269 3.85 33.79 34.19
CA GLU A 269 5.10 34.44 34.68
C GLU A 269 6.22 34.05 33.71
N ASN A 270 6.17 32.80 33.23
CA ASN A 270 7.11 32.23 32.23
C ASN A 270 6.95 32.93 30.88
N GLY A 271 5.73 33.40 30.57
CA GLY A 271 5.42 34.09 29.31
C GLY A 271 4.65 33.20 28.35
N THR A 272 4.32 31.98 28.78
CA THR A 272 3.52 31.03 27.95
C THR A 272 2.03 31.33 28.17
N ILE A 273 1.31 31.65 27.10
CA ILE A 273 -0.15 31.97 27.20
C ILE A 273 -0.90 30.77 27.78
N THR A 274 -1.87 31.03 28.66
CA THR A 274 -2.68 29.94 29.30
C THR A 274 -4.17 30.22 29.12
N ASP A 275 -4.71 31.21 29.83
CA ASP A 275 -6.15 31.57 29.75
C ASP A 275 -6.40 32.56 28.61
N ALA A 276 -7.38 32.26 27.76
CA ALA A 276 -7.80 33.12 26.61
C ALA A 276 -9.32 33.27 26.68
N VAL A 277 -9.82 34.52 26.69
CA VAL A 277 -11.25 34.75 26.81
C VAL A 277 -11.72 35.51 25.58
N ASP A 278 -12.76 34.99 24.94
CA ASP A 278 -13.42 35.72 23.86
C ASP A 278 -14.33 36.78 24.45
N SER B 2 9.67 -33.77 -10.42
CA SER B 2 11.11 -33.57 -10.36
C SER B 2 11.71 -34.36 -9.22
N VAL B 3 11.88 -33.68 -8.08
CA VAL B 3 12.49 -34.30 -6.92
C VAL B 3 11.43 -34.84 -5.96
N LEU B 4 10.14 -34.65 -6.27
CA LEU B 4 9.07 -35.00 -5.36
C LEU B 4 8.30 -36.19 -5.90
N THR B 5 7.31 -36.65 -5.15
CA THR B 5 6.62 -37.90 -5.45
C THR B 5 5.13 -37.69 -5.59
N GLN B 6 4.62 -37.87 -6.80
CA GLN B 6 3.19 -38.04 -7.04
C GLN B 6 2.99 -38.73 -8.38
N ALA B 7 1.83 -39.35 -8.54
CA ALA B 7 1.61 -40.24 -9.66
C ALA B 7 1.23 -39.44 -10.91
N PRO B 8 1.37 -40.03 -12.10
CA PRO B 8 0.94 -39.31 -13.32
C PRO B 8 -0.55 -39.03 -13.39
N SER B 9 -1.41 -39.98 -13.00
CA SER B 9 -2.84 -39.80 -13.20
C SER B 9 -3.60 -40.54 -12.11
N VAL B 10 -4.87 -40.12 -11.93
CA VAL B 10 -5.77 -40.76 -10.99
C VAL B 10 -7.19 -40.53 -11.51
N SER B 11 -8.10 -41.45 -11.18
CA SER B 11 -9.46 -41.39 -11.71
C SER B 11 -10.46 -41.70 -10.60
N GLY B 12 -11.63 -41.06 -10.70
CA GLY B 12 -12.71 -41.31 -9.75
C GLY B 12 -14.03 -40.88 -10.38
N ALA B 13 -15.12 -41.43 -9.84
CA ALA B 13 -16.47 -41.14 -10.29
C ALA B 13 -16.88 -39.72 -9.90
N PRO B 14 -17.79 -39.11 -10.65
CA PRO B 14 -18.16 -37.72 -10.38
C PRO B 14 -18.88 -37.57 -9.05
N GLY B 15 -18.85 -36.35 -8.52
CA GLY B 15 -19.54 -36.03 -7.29
C GLY B 15 -19.02 -36.75 -6.06
N GLN B 16 -17.94 -37.49 -6.18
CA GLN B 16 -17.44 -38.30 -5.08
C GLN B 16 -16.44 -37.48 -4.27
N LYS B 17 -15.80 -38.12 -3.29
CA LYS B 17 -14.78 -37.48 -2.46
C LYS B 17 -13.52 -38.32 -2.48
N VAL B 18 -12.46 -37.80 -3.11
CA VAL B 18 -11.15 -38.43 -3.11
C VAL B 18 -10.10 -37.34 -3.27
N THR B 19 -8.96 -37.53 -2.60
CA THR B 19 -7.93 -36.51 -2.53
C THR B 19 -6.69 -36.96 -3.29
N ILE B 20 -5.66 -36.13 -3.26
CA ILE B 20 -4.37 -36.43 -3.87
C ILE B 20 -3.28 -35.97 -2.92
N SER B 21 -2.24 -36.78 -2.76
CA SER B 21 -1.16 -36.52 -1.83
C SER B 21 0.16 -36.43 -2.57
N CYS B 22 1.13 -35.78 -1.91
CA CYS B 22 2.47 -35.58 -2.47
C CYS B 22 3.48 -35.84 -1.36
N SER B 23 4.44 -36.73 -1.62
CA SER B 23 5.39 -37.18 -0.62
C SER B 23 6.73 -36.47 -0.82
N GLY B 24 7.10 -35.62 0.14
CA GLY B 24 8.36 -34.93 0.13
C GLY B 24 9.32 -35.45 1.17
N SER B 25 10.24 -34.57 1.59
CA SER B 25 11.18 -34.92 2.65
C SER B 25 11.21 -33.83 3.70
N SER B 26 12.00 -34.03 4.76
CA SER B 26 12.17 -32.98 5.75
C SER B 26 12.95 -31.81 5.18
N SER B 27 13.81 -32.09 4.18
CA SER B 27 14.58 -31.06 3.51
C SER B 27 13.73 -30.14 2.64
N ASN B 28 12.50 -30.54 2.34
CA ASN B 28 11.63 -29.75 1.46
C ASN B 28 10.29 -29.48 2.11
N ILE B 29 9.45 -30.50 2.32
CA ILE B 29 8.14 -30.26 2.89
C ILE B 29 8.21 -30.08 4.40
N GLY B 30 9.20 -30.71 5.05
CA GLY B 30 9.26 -30.73 6.49
C GLY B 30 9.22 -29.37 7.16
N ASN B 31 10.12 -28.47 6.78
CA ASN B 31 10.16 -27.14 7.37
C ASN B 31 9.49 -26.06 6.53
N ASN B 32 8.90 -26.42 5.39
CA ASN B 32 8.43 -25.42 4.45
C ASN B 32 6.94 -25.58 4.18
N TYR B 33 6.33 -24.49 3.73
CA TYR B 33 4.92 -24.48 3.39
C TYR B 33 4.70 -25.00 1.98
N VAL B 34 3.53 -25.60 1.77
CA VAL B 34 3.22 -26.30 0.52
C VAL B 34 2.16 -25.52 -0.24
N SER B 35 2.27 -25.55 -1.57
CA SER B 35 1.28 -24.96 -2.46
C SER B 35 0.79 -26.01 -3.44
N TRP B 36 -0.31 -25.70 -4.11
CA TRP B 36 -0.93 -26.60 -5.07
C TRP B 36 -1.49 -25.81 -6.24
N TYR B 37 -1.38 -26.36 -7.43
CA TYR B 37 -1.68 -25.63 -8.65
C TYR B 37 -2.53 -26.49 -9.58
N GLN B 38 -3.35 -25.82 -10.40
CA GLN B 38 -4.21 -26.48 -11.38
C GLN B 38 -4.02 -25.84 -12.75
N GLN B 39 -3.97 -26.67 -13.78
CA GLN B 39 -3.91 -26.19 -15.16
C GLN B 39 -4.82 -27.07 -16.02
N LEU B 40 -5.60 -26.45 -16.85
CA LEU B 40 -6.33 -27.10 -17.93
C LEU B 40 -5.42 -27.22 -19.16
N PRO B 41 -5.78 -28.07 -20.12
CA PRO B 41 -4.91 -28.25 -21.28
C PRO B 41 -4.61 -26.93 -21.99
N GLY B 42 -3.33 -26.66 -22.21
CA GLY B 42 -2.87 -25.43 -22.81
C GLY B 42 -3.37 -24.16 -22.15
N THR B 43 -3.42 -24.12 -20.82
CA THR B 43 -3.96 -22.97 -20.11
C THR B 43 -2.98 -22.52 -19.02
N ALA B 44 -3.44 -21.59 -18.21
CA ALA B 44 -2.71 -20.91 -17.16
C ALA B 44 -2.82 -21.66 -15.84
N PRO B 45 -1.71 -22.21 -15.34
CA PRO B 45 -1.77 -22.99 -14.10
C PRO B 45 -2.19 -22.12 -12.92
N LYS B 46 -3.25 -22.56 -12.25
CA LYS B 46 -3.94 -21.76 -11.26
C LYS B 46 -3.57 -22.22 -9.86
N LEU B 47 -3.20 -21.28 -9.01
CA LEU B 47 -2.96 -21.59 -7.61
C LEU B 47 -4.21 -22.17 -6.98
N LEU B 48 -4.07 -23.33 -6.36
CA LEU B 48 -5.17 -24.02 -5.71
C LEU B 48 -5.27 -23.69 -4.23
N ILE B 49 -4.28 -24.11 -3.44
CA ILE B 49 -4.24 -23.87 -2.00
C ILE B 49 -2.81 -23.51 -1.63
N TYR B 50 -2.66 -22.50 -0.77
CA TYR B 50 -1.35 -22.12 -0.28
C TYR B 50 -1.29 -22.32 1.23
N ASP B 51 -0.12 -22.80 1.68
CA ASP B 51 0.12 -23.27 3.04
C ASP B 51 -0.82 -24.41 3.42
N ASN B 52 -1.43 -25.03 2.41
CA ASN B 52 -2.30 -26.19 2.52
C ASN B 52 -3.59 -25.91 3.30
N ASN B 53 -3.60 -24.85 4.11
CA ASN B 53 -4.79 -24.47 4.85
C ASN B 53 -5.51 -23.26 4.29
N LYS B 54 -4.98 -22.60 3.27
CA LYS B 54 -5.47 -21.29 2.86
C LYS B 54 -5.94 -21.30 1.42
N ARG B 55 -7.14 -20.77 1.19
CA ARG B 55 -7.73 -20.71 -0.14
C ARG B 55 -7.48 -19.34 -0.75
N PRO B 56 -6.99 -19.30 -1.97
CA PRO B 56 -6.95 -18.04 -2.73
C PRO B 56 -8.37 -17.55 -3.05
N SER B 57 -8.45 -16.29 -3.42
CA SER B 57 -9.74 -15.71 -3.77
C SER B 57 -10.33 -16.38 -4.99
N GLY B 58 -11.56 -16.87 -4.85
CA GLY B 58 -12.25 -17.54 -5.94
C GLY B 58 -12.18 -19.04 -5.91
N ILE B 59 -11.63 -19.64 -4.85
CA ILE B 59 -11.48 -21.09 -4.76
C ILE B 59 -12.70 -21.64 -4.03
N PRO B 60 -13.33 -22.71 -4.53
CA PRO B 60 -14.40 -23.36 -3.77
C PRO B 60 -13.89 -23.83 -2.42
N ASP B 61 -14.70 -23.60 -1.38
CA ASP B 61 -14.31 -23.99 -0.04
C ASP B 61 -14.18 -25.50 0.09
N ARG B 62 -14.69 -26.24 -0.89
CA ARG B 62 -14.69 -27.70 -0.82
C ARG B 62 -13.30 -28.30 -0.86
N PHE B 63 -12.27 -27.48 -1.07
CA PHE B 63 -10.90 -27.97 -1.06
C PHE B 63 -10.27 -27.72 0.31
N SER B 64 -9.50 -28.70 0.78
CA SER B 64 -8.76 -28.60 2.03
C SER B 64 -7.35 -29.10 1.82
N GLY B 65 -6.59 -29.20 2.89
CA GLY B 65 -5.23 -29.71 2.81
C GLY B 65 -4.71 -30.11 4.17
N SER B 66 -3.62 -30.87 4.15
CA SER B 66 -2.97 -31.32 5.37
C SER B 66 -1.50 -31.58 5.09
N LYS B 67 -0.69 -31.46 6.14
CA LYS B 67 0.71 -31.84 6.11
C LYS B 67 0.99 -32.76 7.27
N SER B 68 1.28 -34.03 6.98
CA SER B 68 1.68 -35.00 8.00
C SER B 68 3.12 -35.38 7.73
N GLY B 69 4.02 -34.91 8.59
CA GLY B 69 5.44 -35.16 8.40
C GLY B 69 5.89 -34.65 7.05
N THR B 70 6.50 -35.54 6.27
CA THR B 70 6.96 -35.23 4.93
C THR B 70 5.87 -35.42 3.88
N SER B 71 4.66 -35.78 4.30
CA SER B 71 3.57 -36.07 3.38
C SER B 71 2.55 -34.94 3.45
N ALA B 72 2.13 -34.46 2.29
CA ALA B 72 1.16 -33.38 2.17
C ALA B 72 0.05 -33.78 1.21
N THR B 73 -1.17 -33.85 1.74
CA THR B 73 -2.34 -34.23 0.97
C THR B 73 -3.12 -32.98 0.58
N LEU B 74 -3.61 -32.96 -0.65
CA LEU B 74 -4.46 -31.89 -1.14
C LEU B 74 -5.90 -32.38 -1.09
N GLY B 75 -6.70 -31.81 -0.19
CA GLY B 75 -8.09 -32.20 -0.04
C GLY B 75 -8.89 -31.83 -1.28
N ILE B 76 -9.53 -32.84 -1.87
CA ILE B 76 -10.31 -32.69 -3.08
C ILE B 76 -11.67 -33.32 -2.83
N THR B 77 -12.71 -32.50 -2.82
CA THR B 77 -14.06 -32.97 -2.50
C THR B 77 -15.06 -32.40 -3.51
N GLY B 78 -16.23 -33.03 -3.56
CA GLY B 78 -17.28 -32.57 -4.44
C GLY B 78 -16.87 -32.55 -5.90
N LEU B 79 -16.45 -33.71 -6.41
CA LEU B 79 -15.93 -33.79 -7.76
C LEU B 79 -16.92 -33.24 -8.78
N GLN B 80 -16.41 -32.50 -9.75
CA GLN B 80 -17.20 -31.92 -10.82
C GLN B 80 -16.74 -32.46 -12.16
N THR B 81 -17.62 -32.34 -13.14
CA THR B 81 -17.26 -32.72 -14.51
C THR B 81 -16.16 -31.83 -15.05
N GLY B 82 -16.05 -30.60 -14.54
CA GLY B 82 -15.00 -29.70 -14.97
C GLY B 82 -13.77 -29.73 -14.09
N ASP B 83 -13.66 -30.73 -13.21
CA ASP B 83 -12.51 -30.79 -12.30
C ASP B 83 -11.37 -31.62 -12.85
N GLU B 84 -11.48 -32.15 -14.08
CA GLU B 84 -10.42 -32.99 -14.62
C GLU B 84 -9.29 -32.12 -15.12
N ALA B 85 -8.10 -32.31 -14.54
CA ALA B 85 -6.92 -31.51 -14.81
C ALA B 85 -5.80 -32.06 -13.93
N ASP B 86 -4.60 -31.52 -14.13
CA ASP B 86 -3.43 -31.93 -13.36
C ASP B 86 -3.22 -30.99 -12.19
N TYR B 87 -2.92 -31.56 -11.03
CA TYR B 87 -2.62 -30.80 -9.83
C TYR B 87 -1.16 -31.00 -9.45
N TYR B 88 -0.49 -29.90 -9.11
CA TYR B 88 0.94 -29.90 -8.86
C TYR B 88 1.22 -29.50 -7.41
N CYS B 89 2.03 -30.30 -6.73
CA CYS B 89 2.53 -29.95 -5.41
C CYS B 89 3.83 -29.17 -5.53
N GLY B 90 4.03 -28.24 -4.61
CA GLY B 90 5.29 -27.56 -4.49
C GLY B 90 5.50 -27.05 -3.09
N THR B 91 6.77 -26.89 -2.71
CA THR B 91 7.15 -26.29 -1.44
C THR B 91 8.56 -25.75 -1.59
N TRP B 92 8.94 -24.85 -0.70
CA TRP B 92 10.26 -24.24 -0.77
C TRP B 92 11.34 -25.27 -0.47
N ASP B 93 12.45 -25.19 -1.20
CA ASP B 93 13.58 -26.08 -1.01
C ASP B 93 14.78 -25.28 -0.54
N SER B 94 15.37 -25.71 0.57
CA SER B 94 16.66 -25.15 0.97
C SER B 94 17.83 -25.99 0.49
N SER B 95 17.55 -27.21 0.01
CA SER B 95 18.62 -28.09 -0.46
C SER B 95 19.40 -27.43 -1.58
N LEU B 96 18.76 -27.27 -2.75
CA LEU B 96 19.34 -26.46 -3.80
C LEU B 96 19.00 -24.99 -3.61
N SER B 97 18.32 -24.65 -2.51
CA SER B 97 17.88 -23.29 -2.21
C SER B 97 17.09 -22.71 -3.37
N ALA B 98 15.95 -23.32 -3.65
CA ALA B 98 15.17 -22.98 -4.84
C ALA B 98 13.73 -23.42 -4.65
N VAL B 99 12.99 -23.38 -5.75
CA VAL B 99 11.60 -23.80 -5.79
C VAL B 99 11.51 -25.13 -6.54
N VAL B 100 10.80 -26.09 -5.95
CA VAL B 100 10.69 -27.44 -6.51
C VAL B 100 9.23 -27.80 -6.71
N PHE B 101 9.00 -28.78 -7.57
CA PHE B 101 7.67 -29.30 -7.86
C PHE B 101 7.75 -30.80 -8.10
N GLY B 102 6.57 -31.43 -8.04
CA GLY B 102 6.46 -32.80 -8.47
C GLY B 102 6.09 -32.89 -9.94
N GLY B 103 6.10 -34.13 -10.46
CA GLY B 103 5.78 -34.35 -11.86
C GLY B 103 4.37 -33.96 -12.24
N GLY B 104 3.45 -33.93 -11.30
CA GLY B 104 2.07 -33.62 -11.62
C GLY B 104 1.21 -34.85 -11.73
N THR B 105 -0.05 -34.69 -11.34
CA THR B 105 -1.01 -35.79 -11.33
C THR B 105 -2.28 -35.35 -12.05
N LYS B 106 -2.57 -36.00 -13.17
CA LYS B 106 -3.71 -35.59 -13.98
C LYS B 106 -4.92 -36.36 -13.51
N LEU B 107 -5.85 -35.65 -12.88
CA LEU B 107 -7.07 -36.23 -12.36
C LEU B 107 -7.96 -36.59 -13.53
N THR B 108 -8.86 -37.55 -13.32
CA THR B 108 -9.90 -37.89 -14.29
C THR B 108 -11.19 -38.11 -13.52
N VAL B 109 -12.23 -37.38 -13.90
CA VAL B 109 -13.55 -37.56 -13.29
C VAL B 109 -14.33 -38.55 -14.14
N LEU B 110 -14.62 -39.72 -13.56
CA LEU B 110 -15.20 -40.82 -14.31
C LEU B 110 -16.69 -40.61 -14.57
N GLU C 1 -7.81 -7.45 -7.81
CA GLU C 1 -6.51 -6.92 -7.43
C GLU C 1 -5.69 -6.46 -8.64
N VAL C 2 -5.13 -7.43 -9.34
CA VAL C 2 -4.09 -7.18 -10.34
C VAL C 2 -4.23 -8.17 -11.49
N GLN C 3 -4.08 -7.65 -12.72
CA GLN C 3 -3.82 -8.47 -13.90
C GLN C 3 -2.43 -8.07 -14.39
N LEU C 4 -1.81 -8.95 -15.15
CA LEU C 4 -0.43 -8.73 -15.58
C LEU C 4 -0.42 -8.46 -17.07
N LEU C 5 0.76 -8.14 -17.59
CA LEU C 5 0.98 -8.12 -19.02
C LEU C 5 1.47 -9.52 -19.43
N GLU C 6 1.65 -9.72 -20.74
CA GLU C 6 2.08 -11.05 -21.13
C GLU C 6 3.55 -11.23 -20.79
N GLN C 7 4.03 -12.45 -20.94
CA GLN C 7 5.40 -12.76 -20.59
C GLN C 7 6.36 -12.32 -21.69
N SER C 8 6.01 -12.69 -22.91
CA SER C 8 6.78 -12.37 -24.11
C SER C 8 5.85 -11.83 -25.17
N GLY C 9 4.83 -12.60 -25.50
CA GLY C 9 4.30 -12.69 -26.83
C GLY C 9 4.70 -14.02 -27.43
N ALA C 10 4.56 -14.14 -28.74
CA ALA C 10 5.01 -15.31 -29.46
C ALA C 10 6.44 -15.06 -29.94
N GLU C 11 7.39 -15.78 -29.36
CA GLU C 11 8.79 -15.66 -29.75
C GLU C 11 9.24 -16.99 -30.35
N VAL C 12 9.46 -16.98 -31.66
CA VAL C 12 9.94 -18.16 -32.36
C VAL C 12 11.33 -17.86 -32.92
N LYS C 13 12.35 -18.48 -32.34
CA LYS C 13 13.72 -18.23 -32.75
C LYS C 13 14.39 -19.55 -33.07
N LYS C 14 14.77 -19.71 -34.33
CA LYS C 14 15.39 -20.91 -34.88
C LYS C 14 16.68 -21.19 -34.12
N PRO C 15 17.18 -22.43 -34.16
CA PRO C 15 18.44 -22.72 -33.47
C PRO C 15 19.54 -21.77 -33.91
N GLY C 16 20.48 -21.54 -33.01
CA GLY C 16 21.45 -20.48 -33.19
C GLY C 16 20.98 -19.10 -32.80
N ALA C 17 20.18 -18.97 -31.75
CA ALA C 17 19.66 -17.71 -31.28
C ALA C 17 19.50 -17.73 -29.76
N SER C 18 19.01 -16.61 -29.22
CA SER C 18 18.69 -16.50 -27.80
C SER C 18 17.63 -15.42 -27.64
N VAL C 19 16.83 -15.53 -26.58
CA VAL C 19 15.61 -14.73 -26.49
C VAL C 19 15.44 -14.18 -25.07
N ARG C 20 15.18 -12.88 -24.99
CA ARG C 20 14.77 -12.21 -23.76
C ARG C 20 13.29 -12.42 -23.54
N VAL C 21 12.86 -12.35 -22.28
CA VAL C 21 11.46 -12.46 -21.92
C VAL C 21 11.10 -11.29 -21.02
N SER C 22 10.25 -10.39 -21.50
CA SER C 22 9.93 -9.15 -20.79
C SER C 22 8.50 -9.21 -20.30
N CYS C 23 8.34 -9.36 -18.99
CA CYS C 23 7.05 -9.53 -18.35
C CYS C 23 6.67 -8.24 -17.62
N LYS C 24 5.62 -7.58 -18.08
CA LYS C 24 5.19 -6.37 -17.41
C LYS C 24 3.96 -6.65 -16.56
N VAL C 25 3.52 -5.65 -15.81
CA VAL C 25 2.45 -5.82 -14.83
C VAL C 25 1.42 -4.70 -15.03
N SER C 26 0.35 -4.78 -14.25
CA SER C 26 -0.64 -3.71 -14.20
C SER C 26 -1.31 -3.75 -12.83
N GLY C 27 -1.66 -2.58 -12.31
CA GLY C 27 -2.28 -2.47 -11.01
C GLY C 27 -1.31 -2.52 -9.85
N TYR C 28 -0.10 -3.01 -10.08
CA TYR C 28 1.01 -2.81 -9.15
C TYR C 28 2.13 -2.04 -9.82
N THR C 29 3.18 -1.76 -9.07
CA THR C 29 4.44 -1.27 -9.63
C THR C 29 5.46 -2.38 -9.51
N LEU C 30 6.42 -2.39 -10.43
CA LEU C 30 7.31 -3.54 -10.55
C LEU C 30 8.02 -3.86 -9.24
N PRO C 31 8.79 -2.94 -8.63
CA PRO C 31 9.55 -3.37 -7.45
C PRO C 31 8.81 -3.17 -6.14
N GLU C 32 7.52 -3.48 -6.09
CA GLU C 32 6.87 -3.80 -4.83
C GLU C 32 6.58 -5.28 -4.68
N VAL C 33 6.89 -6.07 -5.70
CA VAL C 33 6.55 -7.48 -5.73
C VAL C 33 7.59 -8.20 -6.57
N ALA C 34 7.90 -9.43 -6.20
CA ALA C 34 9.00 -10.18 -6.79
C ALA C 34 8.48 -11.09 -7.90
N MET C 35 9.23 -11.18 -8.99
CA MET C 35 8.86 -12.08 -10.08
C MET C 35 9.51 -13.44 -9.91
N HIS C 36 9.13 -14.36 -10.78
CA HIS C 36 9.58 -15.75 -10.74
C HIS C 36 9.38 -16.34 -12.12
N TRP C 37 10.01 -17.50 -12.35
CA TRP C 37 9.93 -18.15 -13.65
C TRP C 37 9.88 -19.66 -13.46
N VAL C 38 9.15 -20.33 -14.33
CA VAL C 38 9.04 -21.79 -14.28
C VAL C 38 9.06 -22.33 -15.70
N ARG C 39 9.92 -23.31 -15.94
CA ARG C 39 9.85 -24.06 -17.18
C ARG C 39 8.65 -24.99 -17.16
N GLN C 40 7.83 -24.91 -18.19
CA GLN C 40 6.77 -25.89 -18.43
C GLN C 40 6.88 -26.40 -19.86
N ALA C 41 7.20 -27.68 -19.99
CA ALA C 41 7.27 -28.30 -21.30
C ALA C 41 5.95 -28.98 -21.60
N PRO C 42 5.38 -28.81 -22.79
CA PRO C 42 4.07 -29.40 -23.08
C PRO C 42 4.10 -30.92 -22.91
N GLY C 43 3.02 -31.45 -22.35
CA GLY C 43 2.99 -32.85 -22.02
C GLY C 43 3.94 -33.23 -20.90
N LYS C 44 4.41 -32.25 -20.14
CA LYS C 44 5.39 -32.48 -19.08
C LYS C 44 5.01 -31.60 -17.89
N GLY C 45 5.90 -31.52 -16.90
CA GLY C 45 5.60 -30.84 -15.66
C GLY C 45 6.34 -29.52 -15.50
N LEU C 46 6.37 -29.05 -14.25
CA LEU C 46 6.96 -27.76 -13.91
C LEU C 46 8.43 -27.89 -13.57
N GLU C 47 9.22 -26.92 -14.03
CA GLU C 47 10.62 -26.79 -13.65
C GLU C 47 10.84 -25.31 -13.32
N TRP C 48 11.11 -25.02 -12.05
CA TRP C 48 11.20 -23.63 -11.64
C TRP C 48 12.48 -22.97 -12.15
N MET C 49 12.46 -21.65 -12.24
CA MET C 49 13.49 -20.94 -12.96
C MET C 49 13.55 -19.50 -12.48
N GLY C 50 14.70 -18.86 -12.70
CA GLY C 50 14.84 -17.44 -12.40
C GLY C 50 14.49 -17.13 -10.97
N GLY C 51 13.58 -16.19 -10.77
CA GLY C 51 13.02 -15.94 -9.46
C GLY C 51 13.82 -14.94 -8.65
N PHE C 52 13.13 -14.30 -7.70
CA PHE C 52 13.74 -13.38 -6.75
C PHE C 52 13.69 -14.02 -5.37
N ASP C 53 14.64 -13.67 -4.52
CA ASP C 53 14.72 -14.27 -3.18
C ASP C 53 14.22 -13.27 -2.15
N PRO C 54 13.13 -13.55 -1.44
CA PRO C 54 12.73 -12.66 -0.34
C PRO C 54 13.82 -12.50 0.70
N GLU C 55 14.48 -13.59 1.07
CA GLU C 55 15.65 -13.50 1.92
C GLU C 55 16.84 -12.99 1.12
N ASP C 56 17.78 -12.32 1.79
CA ASP C 56 19.06 -11.96 1.20
C ASP C 56 18.91 -10.91 0.09
N GLY C 57 17.68 -10.69 -0.36
CA GLY C 57 17.39 -9.66 -1.34
C GLY C 57 17.90 -9.91 -2.74
N GLU C 58 18.57 -11.04 -2.98
CA GLU C 58 19.07 -11.33 -4.32
C GLU C 58 17.95 -11.81 -5.23
N THR C 59 18.19 -11.71 -6.53
CA THR C 59 17.36 -12.33 -7.55
C THR C 59 17.93 -13.72 -7.79
N MET C 60 17.16 -14.75 -7.44
CA MET C 60 17.65 -16.11 -7.54
C MET C 60 17.86 -16.52 -8.98
N TYR C 61 18.69 -17.56 -9.16
CA TYR C 61 18.85 -18.24 -10.43
C TYR C 61 18.94 -19.73 -10.15
N ALA C 62 18.07 -20.51 -10.79
CA ALA C 62 18.02 -21.95 -10.56
C ALA C 62 19.39 -22.56 -10.84
N GLN C 63 19.92 -23.26 -9.84
CA GLN C 63 21.29 -23.77 -9.91
C GLN C 63 21.49 -24.63 -11.14
N LYS C 64 20.58 -25.56 -11.40
CA LYS C 64 20.68 -26.41 -12.59
C LYS C 64 20.83 -25.56 -13.85
N PHE C 65 20.02 -24.52 -13.97
CA PHE C 65 20.04 -23.65 -15.14
C PHE C 65 20.87 -22.38 -14.92
N GLN C 66 21.54 -22.27 -13.77
CA GLN C 66 22.26 -21.05 -13.43
C GLN C 66 23.31 -20.71 -14.47
N GLY C 67 23.44 -19.42 -14.77
CA GLY C 67 24.43 -18.92 -15.70
C GLY C 67 24.00 -18.88 -17.14
N ARG C 68 23.04 -19.71 -17.53
CA ARG C 68 22.51 -19.68 -18.88
C ARG C 68 21.44 -18.60 -19.07
N VAL C 69 20.69 -18.30 -18.01
CA VAL C 69 19.60 -17.33 -18.07
C VAL C 69 19.87 -16.23 -17.05
N THR C 70 19.59 -15.00 -17.46
CA THR C 70 19.80 -13.83 -16.61
C THR C 70 18.54 -12.99 -16.61
N MET C 71 18.47 -12.07 -15.64
CA MET C 71 17.30 -11.20 -15.47
C MET C 71 17.76 -9.78 -15.16
N THR C 72 17.04 -8.81 -15.72
CA THR C 72 17.21 -7.40 -15.39
C THR C 72 15.83 -6.81 -15.16
N GLU C 73 15.78 -5.59 -14.62
CA GLU C 73 14.54 -4.95 -14.21
C GLU C 73 14.59 -3.46 -14.53
N ASP C 74 13.51 -2.95 -15.13
CA ASP C 74 13.28 -1.52 -15.24
C ASP C 74 12.07 -1.18 -14.39
N THR C 75 12.29 -0.51 -13.27
CA THR C 75 11.24 -0.34 -12.28
C THR C 75 10.09 0.53 -12.78
N SER C 76 10.40 1.59 -13.51
CA SER C 76 9.35 2.52 -13.93
C SER C 76 8.48 1.92 -15.03
N THR C 77 9.10 1.29 -16.03
CA THR C 77 8.35 0.71 -17.13
C THR C 77 7.91 -0.71 -16.86
N ASP C 78 8.25 -1.26 -15.69
CA ASP C 78 7.78 -2.57 -15.23
C ASP C 78 8.24 -3.71 -16.14
N THR C 79 9.35 -3.50 -16.84
CA THR C 79 9.86 -4.47 -17.79
C THR C 79 10.95 -5.31 -17.13
N ALA C 80 10.69 -6.60 -16.98
CA ALA C 80 11.67 -7.54 -16.44
C ALA C 80 12.05 -8.54 -17.52
N TYR C 81 13.29 -8.44 -17.99
CA TYR C 81 13.76 -9.22 -19.13
C TYR C 81 14.42 -10.51 -18.66
N MET C 82 13.89 -11.63 -19.13
CA MET C 82 14.49 -12.93 -18.89
C MET C 82 15.16 -13.40 -20.17
N GLU C 83 16.48 -13.38 -20.19
CA GLU C 83 17.27 -13.78 -21.34
C GLU C 83 17.80 -15.19 -21.14
N LEU C 84 17.30 -16.12 -21.95
CA LEU C 84 17.84 -17.47 -22.00
C LEU C 84 18.73 -17.59 -23.23
N SER C 85 19.82 -18.33 -23.09
CA SER C 85 20.85 -18.37 -24.12
C SER C 85 21.23 -19.81 -24.42
N SER C 86 21.95 -19.98 -25.53
CA SER C 86 22.55 -21.24 -25.93
C SER C 86 21.49 -22.34 -26.08
N LEU C 87 20.66 -22.16 -27.12
CA LEU C 87 19.52 -23.05 -27.33
C LEU C 87 19.95 -24.51 -27.38
N ARG C 88 19.14 -25.38 -26.80
CA ARG C 88 19.38 -26.82 -26.80
C ARG C 88 18.10 -27.57 -27.17
N SER C 89 18.18 -28.90 -27.20
CA SER C 89 17.06 -29.72 -27.64
C SER C 89 15.80 -29.50 -26.81
N GLU C 90 15.83 -29.89 -25.54
CA GLU C 90 14.64 -29.94 -24.70
C GLU C 90 14.25 -28.60 -24.09
N ASP C 91 14.98 -27.53 -24.42
CA ASP C 91 14.75 -26.27 -23.73
C ASP C 91 13.76 -25.35 -24.45
N THR C 92 13.12 -25.81 -25.52
CA THR C 92 11.98 -25.08 -26.05
C THR C 92 10.71 -25.48 -25.32
N ALA C 93 10.02 -24.52 -24.72
CA ALA C 93 8.90 -24.79 -23.83
C ALA C 93 8.29 -23.49 -23.37
N VAL C 94 7.14 -23.60 -22.70
CA VAL C 94 6.47 -22.47 -22.08
C VAL C 94 7.23 -22.13 -20.81
N TYR C 95 7.60 -20.87 -20.67
CA TYR C 95 8.26 -20.39 -19.45
C TYR C 95 7.37 -19.32 -18.83
N TYR C 96 6.78 -19.64 -17.69
CA TYR C 96 5.77 -18.78 -17.08
C TYR C 96 6.41 -17.67 -16.26
N CYS C 97 5.89 -16.46 -16.42
CA CYS C 97 6.13 -15.35 -15.51
C CYS C 97 5.27 -15.56 -14.26
N ALA C 98 5.93 -15.63 -13.11
CA ALA C 98 5.23 -15.83 -11.84
C ALA C 98 5.74 -14.82 -10.84
N THR C 99 5.04 -14.68 -9.72
CA THR C 99 5.39 -13.67 -8.73
C THR C 99 5.09 -14.15 -7.31
N THR C 100 5.97 -13.83 -6.38
CA THR C 100 5.63 -13.96 -4.98
C THR C 100 5.64 -12.60 -4.31
N THR C 101 5.20 -12.55 -3.05
CA THR C 101 5.11 -11.28 -2.32
C THR C 101 6.44 -10.58 -2.05
N PRO C 102 6.46 -9.27 -2.23
CA PRO C 102 7.64 -8.45 -1.96
C PRO C 102 7.98 -8.47 -0.48
N PHE C 103 6.96 -8.57 0.34
CA PHE C 103 7.14 -8.69 1.79
C PHE C 103 7.97 -9.96 2.10
N SER C 104 7.89 -10.94 1.18
CA SER C 104 8.59 -12.23 1.16
C SER C 104 8.01 -13.33 2.02
N SER C 105 8.79 -14.41 2.14
CA SER C 105 8.45 -15.61 2.88
C SER C 105 7.18 -16.26 2.34
N SER C 106 6.97 -16.13 1.02
CA SER C 106 5.81 -16.77 0.41
C SER C 106 6.33 -17.61 -0.75
N TYR C 107 5.87 -18.85 -0.83
CA TYR C 107 6.34 -19.76 -1.88
C TYR C 107 5.42 -19.79 -3.10
N TRP C 108 4.18 -19.33 -2.96
CA TRP C 108 3.18 -19.54 -4.01
C TRP C 108 3.27 -18.47 -5.08
N PHE C 109 3.06 -18.86 -6.33
CA PHE C 109 3.47 -17.99 -7.41
C PHE C 109 2.39 -17.01 -7.86
N ASP C 110 1.17 -17.07 -7.30
CA ASP C 110 0.31 -15.89 -7.38
C ASP C 110 -0.15 -15.65 -8.82
N PRO C 111 -1.01 -14.67 -9.09
CA PRO C 111 -1.35 -14.37 -10.49
C PRO C 111 -0.11 -14.26 -11.37
N TRP C 112 -0.19 -14.86 -12.56
CA TRP C 112 0.95 -15.19 -13.38
C TRP C 112 0.64 -14.83 -14.84
N GLY C 113 1.53 -15.20 -15.76
CA GLY C 113 1.63 -14.54 -17.06
C GLY C 113 1.09 -15.19 -18.31
N GLN C 114 0.19 -16.18 -18.21
CA GLN C 114 -0.51 -16.81 -19.32
C GLN C 114 0.38 -17.77 -20.13
N GLY C 115 1.70 -17.69 -20.00
CA GLY C 115 2.59 -18.63 -20.64
C GLY C 115 3.09 -18.18 -22.00
N THR C 116 4.35 -18.50 -22.31
CA THR C 116 4.92 -18.29 -23.63
C THR C 116 5.87 -19.42 -23.98
N LEU C 117 5.63 -20.05 -25.13
CA LEU C 117 6.54 -21.06 -25.68
C LEU C 117 7.76 -20.35 -26.26
N VAL C 118 8.89 -21.05 -26.28
CA VAL C 118 10.08 -20.56 -26.98
C VAL C 118 10.42 -21.53 -28.10
N THR C 119 11.55 -21.28 -28.77
CA THR C 119 11.91 -22.05 -29.95
C THR C 119 13.41 -22.29 -29.95
N VAL C 120 13.81 -23.50 -30.31
CA VAL C 120 15.22 -23.86 -30.36
C VAL C 120 15.64 -24.29 -31.76
#